data_1OBA
#
_entry.id   1OBA
#
_cell.length_a   78.030
_cell.length_b   95.950
_cell.length_c   129.300
_cell.angle_alpha   90.00
_cell.angle_beta   90.00
_cell.angle_gamma   90.00
#
_symmetry.space_group_name_H-M   'C 2 2 21'
#
loop_
_entity.id
_entity.type
_entity.pdbx_description
1 polymer LYSOZYME
2 non-polymer 'CHOLINE ION'
3 water water
#
_entity_poly.entity_id   1
_entity_poly.type   'polypeptide(L)'
_entity_poly.pdbx_seq_one_letter_code
;MVKKNDLFVDVSSHNGYDITGILEQMGTTNTIIKISESTTYLNRCLSAQVEQSNPIGFYHFARFGGDVAEAEREAQFFLD
NVPMQVKYLVLDYEDDPSGDAQANTNACLRFMQMIADAGYKPIYYSYKPFTHDNVDYQQILAQFPNSLWIAGYGLNDGTA
NFEYFPSMDGIRWWQYSSNPFDKNIVLLDDEEDDKPKTAGTWKQDSKGWWFRRNNGSFPYNKWEKIGGVWYYFDSKGYCL
TSEWLKDNEKWYYLKDNGAMATGWVLVGSEWYYMDDSGAMVTGWVKYKNNWYYMTNERGNMVSNEFIKSGKGWYFMNTNG
ELADNPSFTKEPDGLITVA
;
_entity_poly.pdbx_strand_id   A
#
loop_
_chem_comp.id
_chem_comp.type
_chem_comp.name
_chem_comp.formula
CHT non-polymer 'CHOLINE ION' 'C5 H14 N O 1'
#
# COMPACT_ATOMS: atom_id res chain seq x y z
N VAL A 2 -1.91 -0.72 6.90
CA VAL A 2 -1.53 -1.58 5.75
C VAL A 2 -0.17 -1.26 5.15
N LYS A 3 0.42 -2.28 4.53
CA LYS A 3 1.73 -2.18 3.90
C LYS A 3 1.66 -2.22 2.38
N LYS A 4 2.74 -1.77 1.75
CA LYS A 4 2.83 -1.77 0.29
C LYS A 4 2.40 -3.13 -0.22
N ASN A 5 1.65 -3.13 -1.31
CA ASN A 5 1.17 -4.35 -1.95
C ASN A 5 0.08 -5.11 -1.21
N ASP A 6 -0.42 -4.53 -0.12
CA ASP A 6 -1.50 -5.15 0.63
C ASP A 6 -2.75 -4.87 -0.19
N LEU A 7 -3.77 -5.70 -0.02
CA LEU A 7 -4.99 -5.53 -0.76
C LEU A 7 -6.13 -5.13 0.15
N PHE A 8 -7.09 -4.44 -0.43
CA PHE A 8 -8.27 -4.04 0.32
C PHE A 8 -9.43 -3.86 -0.65
N VAL A 9 -10.63 -4.06 -0.12
CA VAL A 9 -11.86 -3.94 -0.90
C VAL A 9 -12.69 -2.77 -0.38
N ASP A 10 -13.42 -2.11 -1.27
CA ASP A 10 -14.30 -1.02 -0.83
C ASP A 10 -15.71 -1.44 -1.22
N VAL A 11 -16.67 -1.10 -0.37
CA VAL A 11 -18.06 -1.48 -0.58
C VAL A 11 -19.08 -0.40 -0.22
N SER A 12 -20.30 -0.58 -0.71
CA SER A 12 -21.41 0.33 -0.46
C SER A 12 -22.70 -0.49 -0.40
N SER A 13 -23.85 0.17 -0.45
CA SER A 13 -25.12 -0.55 -0.41
C SER A 13 -25.23 -1.52 -1.58
N HIS A 14 -24.56 -1.18 -2.68
CA HIS A 14 -24.58 -1.98 -3.89
C HIS A 14 -24.07 -3.41 -3.65
N ASN A 15 -23.29 -3.58 -2.57
CA ASN A 15 -22.72 -4.88 -2.25
C ASN A 15 -23.59 -5.70 -1.29
N GLY A 16 -24.64 -5.08 -0.78
CA GLY A 16 -25.54 -5.78 0.12
C GLY A 16 -25.07 -6.05 1.54
N TYR A 17 -25.94 -6.63 2.34
CA TYR A 17 -25.65 -6.95 3.73
C TYR A 17 -24.77 -8.16 3.98
N ASP A 18 -24.24 -8.76 2.93
CA ASP A 18 -23.35 -9.90 3.08
C ASP A 18 -22.22 -9.82 2.08
N ILE A 19 -21.03 -9.53 2.60
CA ILE A 19 -19.83 -9.39 1.79
C ILE A 19 -18.77 -10.41 2.19
N THR A 20 -19.19 -11.47 2.86
CA THR A 20 -18.25 -12.50 3.28
C THR A 20 -17.68 -13.20 2.05
N GLY A 21 -18.52 -13.33 1.03
CA GLY A 21 -18.09 -13.97 -0.21
C GLY A 21 -17.00 -13.23 -0.95
N ILE A 22 -17.21 -11.95 -1.26
CA ILE A 22 -16.21 -11.21 -2.00
C ILE A 22 -14.93 -10.97 -1.21
N LEU A 23 -15.01 -11.08 0.12
CA LEU A 23 -13.80 -10.89 0.93
C LEU A 23 -12.99 -12.18 0.85
N GLU A 24 -13.68 -13.31 0.65
CA GLU A 24 -13.01 -14.60 0.53
C GLU A 24 -12.36 -14.68 -0.85
N GLN A 25 -13.09 -14.27 -1.88
CA GLN A 25 -12.59 -14.29 -3.24
C GLN A 25 -11.32 -13.45 -3.32
N MET A 26 -11.35 -12.27 -2.69
CA MET A 26 -10.21 -11.37 -2.70
C MET A 26 -9.08 -11.92 -1.84
N GLY A 27 -9.44 -12.48 -0.69
CA GLY A 27 -8.42 -13.04 0.19
C GLY A 27 -7.97 -12.08 1.28
N THR A 28 -8.80 -11.10 1.60
CA THR A 28 -8.49 -10.13 2.65
C THR A 28 -9.77 -9.62 3.29
N THR A 29 -9.67 -9.17 4.54
CA THR A 29 -10.83 -8.63 5.25
C THR A 29 -10.73 -7.11 5.32
N ASN A 30 -9.63 -6.55 4.81
CA ASN A 30 -9.43 -5.10 4.81
C ASN A 30 -10.50 -4.47 3.93
N THR A 31 -11.21 -3.50 4.48
CA THR A 31 -12.26 -2.84 3.71
C THR A 31 -12.35 -1.36 4.01
N ILE A 32 -12.92 -0.63 3.06
CA ILE A 32 -13.18 0.81 3.21
C ILE A 32 -14.66 0.82 2.81
N ILE A 33 -15.51 1.17 3.78
CA ILE A 33 -16.95 1.14 3.58
C ILE A 33 -17.59 2.52 3.42
N LYS A 34 -18.59 2.60 2.54
CA LYS A 34 -19.28 3.85 2.32
C LYS A 34 -20.19 4.14 3.51
N ILE A 35 -20.05 5.34 4.07
CA ILE A 35 -20.88 5.73 5.18
C ILE A 35 -22.01 6.63 4.69
N SER A 36 -21.63 7.75 4.08
CA SER A 36 -22.60 8.73 3.63
C SER A 36 -22.40 9.40 2.27
N GLU A 37 -23.46 10.10 1.85
CA GLU A 37 -23.49 10.83 0.60
C GLU A 37 -24.25 12.14 0.85
N SER A 38 -23.71 13.25 0.35
CA SER A 38 -24.35 14.54 0.52
C SER A 38 -24.52 14.78 2.04
N THR A 39 -25.70 15.22 2.47
CA THR A 39 -25.90 15.45 3.89
C THR A 39 -27.12 14.71 4.40
N THR A 40 -27.70 13.84 3.58
CA THR A 40 -28.91 13.12 3.96
C THR A 40 -28.91 11.61 3.79
N TYR A 41 -27.98 11.09 3.01
CA TYR A 41 -27.92 9.66 2.75
C TYR A 41 -26.93 8.87 3.59
N LEU A 42 -27.39 7.76 4.13
CA LEU A 42 -26.54 6.88 4.92
C LEU A 42 -26.62 5.47 4.32
N ASN A 43 -25.47 4.87 4.06
CA ASN A 43 -25.42 3.51 3.51
C ASN A 43 -26.02 2.57 4.52
N ARG A 44 -27.13 1.95 4.16
CA ARG A 44 -27.83 1.05 5.07
C ARG A 44 -27.06 -0.21 5.52
N CYS A 45 -26.12 -0.68 4.71
CA CYS A 45 -25.36 -1.90 5.01
C CYS A 45 -24.13 -1.68 5.90
N LEU A 46 -23.93 -0.44 6.36
CA LEU A 46 -22.77 -0.09 7.18
C LEU A 46 -22.38 -1.03 8.30
N SER A 47 -23.24 -1.14 9.31
CA SER A 47 -22.94 -1.99 10.46
C SER A 47 -22.66 -3.44 10.09
N ALA A 48 -23.41 -3.98 9.15
CA ALA A 48 -23.21 -5.36 8.72
C ALA A 48 -21.86 -5.51 8.04
N GLN A 49 -21.58 -4.62 7.09
CA GLN A 49 -20.32 -4.67 6.38
C GLN A 49 -19.15 -4.43 7.34
N VAL A 50 -19.38 -3.61 8.36
CA VAL A 50 -18.32 -3.35 9.34
C VAL A 50 -18.06 -4.65 10.11
N GLU A 51 -19.14 -5.22 10.65
CA GLU A 51 -19.08 -6.45 11.42
C GLU A 51 -18.38 -7.60 10.69
N GLN A 52 -18.62 -7.72 9.38
CA GLN A 52 -18.05 -8.78 8.56
C GLN A 52 -16.65 -8.54 8.02
N SER A 53 -15.96 -7.54 8.55
CA SER A 53 -14.62 -7.25 8.03
C SER A 53 -13.73 -6.44 8.97
N ASN A 54 -12.56 -6.07 8.46
CA ASN A 54 -11.61 -5.27 9.20
C ASN A 54 -11.44 -3.93 8.46
N PRO A 55 -12.33 -2.97 8.74
CA PRO A 55 -12.21 -1.69 8.05
C PRO A 55 -10.93 -0.93 8.35
N ILE A 56 -10.38 -0.29 7.32
CA ILE A 56 -9.17 0.49 7.45
C ILE A 56 -9.56 1.96 7.20
N GLY A 57 -10.82 2.16 6.85
CA GLY A 57 -11.30 3.51 6.60
C GLY A 57 -12.74 3.54 6.13
N PHE A 58 -13.26 4.73 5.92
CA PHE A 58 -14.62 4.89 5.44
C PHE A 58 -14.61 6.00 4.41
N TYR A 59 -15.52 5.95 3.45
CA TYR A 59 -15.55 7.00 2.44
C TYR A 59 -16.90 7.67 2.32
N HIS A 60 -16.86 8.90 1.83
CA HIS A 60 -18.05 9.73 1.66
C HIS A 60 -18.17 10.12 0.19
N PHE A 61 -19.36 9.95 -0.39
CA PHE A 61 -19.56 10.32 -1.78
C PHE A 61 -19.97 11.80 -1.82
N ALA A 62 -19.05 12.66 -2.21
CA ALA A 62 -19.29 14.10 -2.27
C ALA A 62 -20.27 14.57 -3.32
N ARG A 63 -21.03 15.61 -2.97
CA ARG A 63 -22.01 16.21 -3.86
C ARG A 63 -21.95 17.73 -3.72
N PHE A 64 -20.91 18.23 -3.05
CA PHE A 64 -20.79 19.68 -2.83
C PHE A 64 -20.30 20.53 -3.99
N GLY A 65 -19.67 19.91 -4.99
CA GLY A 65 -19.17 20.66 -6.13
C GLY A 65 -18.02 21.60 -5.79
N GLY A 66 -18.26 22.90 -5.93
CA GLY A 66 -17.22 23.88 -5.64
C GLY A 66 -17.63 24.78 -4.47
N ASP A 67 -18.67 24.35 -3.77
CA ASP A 67 -19.20 25.08 -2.63
C ASP A 67 -18.51 24.61 -1.36
N VAL A 68 -17.73 25.50 -0.75
CA VAL A 68 -17.00 25.18 0.48
C VAL A 68 -17.92 25.01 1.69
N ALA A 69 -18.94 25.85 1.78
CA ALA A 69 -19.87 25.78 2.90
C ALA A 69 -20.67 24.48 2.88
N GLU A 70 -20.88 23.95 1.68
CA GLU A 70 -21.62 22.70 1.51
C GLU A 70 -20.71 21.53 1.85
N ALA A 71 -19.43 21.65 1.50
CA ALA A 71 -18.45 20.61 1.78
C ALA A 71 -18.32 20.43 3.29
N GLU A 72 -18.36 21.54 4.02
CA GLU A 72 -18.26 21.53 5.47
C GLU A 72 -19.44 20.78 6.09
N ARG A 73 -20.63 21.03 5.59
CA ARG A 73 -21.81 20.36 6.12
C ARG A 73 -21.80 18.87 5.82
N GLU A 74 -21.20 18.51 4.69
CA GLU A 74 -21.10 17.10 4.32
C GLU A 74 -20.03 16.42 5.16
N ALA A 75 -18.88 17.08 5.29
CA ALA A 75 -17.80 16.52 6.10
C ALA A 75 -18.30 16.25 7.52
N GLN A 76 -19.03 17.21 8.07
CA GLN A 76 -19.55 17.06 9.44
C GLN A 76 -20.56 15.93 9.58
N PHE A 77 -21.40 15.77 8.57
CA PHE A 77 -22.41 14.71 8.54
C PHE A 77 -21.69 13.37 8.44
N PHE A 78 -20.62 13.36 7.68
CA PHE A 78 -19.82 12.15 7.48
C PHE A 78 -19.19 11.81 8.83
N LEU A 79 -18.48 12.78 9.39
CA LEU A 79 -17.81 12.64 10.68
C LEU A 79 -18.74 12.16 11.79
N ASP A 80 -19.93 12.77 11.88
CA ASP A 80 -20.88 12.39 12.93
C ASP A 80 -21.40 10.97 12.80
N ASN A 81 -21.06 10.31 11.69
CA ASN A 81 -21.53 8.94 11.47
C ASN A 81 -20.43 7.90 11.36
N VAL A 82 -19.18 8.30 11.59
CA VAL A 82 -18.11 7.33 11.58
C VAL A 82 -18.47 6.42 12.74
N PRO A 83 -18.54 5.10 12.51
CA PRO A 83 -18.90 4.11 13.54
C PRO A 83 -17.79 3.58 14.43
N MET A 84 -16.54 3.81 14.05
CA MET A 84 -15.41 3.32 14.84
C MET A 84 -14.16 4.02 14.35
N GLN A 85 -13.14 4.08 15.19
CA GLN A 85 -11.90 4.72 14.79
C GLN A 85 -11.16 3.92 13.74
N VAL A 86 -10.63 4.63 12.75
CA VAL A 86 -9.88 4.03 11.66
C VAL A 86 -8.84 5.08 11.30
N LYS A 87 -7.78 4.68 10.61
CA LYS A 87 -6.74 5.63 10.23
C LYS A 87 -7.19 6.60 9.15
N TYR A 88 -8.02 6.13 8.22
CA TYR A 88 -8.43 6.98 7.11
C TYR A 88 -9.92 7.23 6.91
N LEU A 89 -10.21 8.41 6.37
CA LEU A 89 -11.56 8.82 6.01
C LEU A 89 -11.36 9.41 4.63
N VAL A 90 -12.04 8.82 3.65
CA VAL A 90 -11.89 9.21 2.26
C VAL A 90 -12.93 10.15 1.66
N LEU A 91 -12.46 11.05 0.80
CA LEU A 91 -13.34 11.97 0.11
C LEU A 91 -13.47 11.44 -1.32
N ASP A 92 -14.63 10.88 -1.65
CA ASP A 92 -14.87 10.37 -2.99
C ASP A 92 -15.42 11.52 -3.81
N TYR A 93 -14.56 12.15 -4.61
CA TYR A 93 -14.95 13.29 -5.43
C TYR A 93 -14.94 12.89 -6.92
N GLU A 94 -16.11 12.62 -7.47
CA GLU A 94 -16.19 12.19 -8.86
C GLU A 94 -17.48 12.64 -9.55
N ASP A 95 -18.31 13.41 -8.86
CA ASP A 95 -19.54 13.85 -9.44
C ASP A 95 -19.83 15.31 -9.17
N ASP A 96 -20.72 15.88 -9.98
CA ASP A 96 -21.14 17.26 -9.86
C ASP A 96 -20.04 18.28 -9.63
N PRO A 97 -19.03 18.32 -10.51
CA PRO A 97 -17.98 19.30 -10.30
C PRO A 97 -18.51 20.65 -10.78
N SER A 98 -17.98 21.74 -10.26
CA SER A 98 -18.43 23.05 -10.71
C SER A 98 -17.49 23.45 -11.85
N GLY A 99 -17.93 24.39 -12.68
CA GLY A 99 -17.10 24.83 -13.79
C GLY A 99 -15.82 25.51 -13.34
N ASP A 100 -15.70 25.79 -12.04
CA ASP A 100 -14.53 26.46 -11.50
C ASP A 100 -13.61 25.52 -10.71
N ALA A 101 -12.59 24.98 -11.38
CA ALA A 101 -11.63 24.05 -10.79
C ALA A 101 -10.98 24.49 -9.47
N GLN A 102 -10.67 25.77 -9.35
CA GLN A 102 -10.04 26.27 -8.12
C GLN A 102 -11.01 26.20 -6.96
N ALA A 103 -12.30 26.40 -7.27
CA ALA A 103 -13.34 26.36 -6.26
C ALA A 103 -13.53 24.91 -5.83
N ASN A 104 -13.44 24.00 -6.81
CA ASN A 104 -13.58 22.57 -6.55
C ASN A 104 -12.45 22.14 -5.62
N THR A 105 -11.25 22.65 -5.90
CA THR A 105 -10.07 22.33 -5.10
C THR A 105 -10.22 22.81 -3.67
N ASN A 106 -10.65 24.05 -3.51
CA ASN A 106 -10.83 24.66 -2.20
C ASN A 106 -11.85 23.91 -1.35
N ALA A 107 -12.99 23.57 -1.93
CA ALA A 107 -14.02 22.84 -1.19
C ALA A 107 -13.46 21.47 -0.79
N CYS A 108 -12.69 20.85 -1.70
CA CYS A 108 -12.09 19.55 -1.43
C CYS A 108 -11.08 19.68 -0.30
N LEU A 109 -10.32 20.78 -0.31
CA LEU A 109 -9.32 21.01 0.73
C LEU A 109 -9.98 21.25 2.08
N ARG A 110 -11.09 21.96 2.09
CA ARG A 110 -11.79 22.24 3.34
C ARG A 110 -12.39 20.96 3.90
N PHE A 111 -12.84 20.08 3.01
CA PHE A 111 -13.41 18.82 3.42
C PHE A 111 -12.31 17.97 4.05
N MET A 112 -11.21 17.83 3.34
CA MET A 112 -10.07 17.05 3.83
C MET A 112 -9.47 17.64 5.11
N GLN A 113 -9.50 18.97 5.23
CA GLN A 113 -8.95 19.60 6.42
C GLN A 113 -9.78 19.26 7.66
N MET A 114 -11.10 19.20 7.49
CA MET A 114 -11.98 18.88 8.62
C MET A 114 -11.79 17.45 9.08
N ILE A 115 -11.40 16.59 8.16
CA ILE A 115 -11.15 15.19 8.47
C ILE A 115 -9.86 15.12 9.26
N ALA A 116 -8.86 15.88 8.83
CA ALA A 116 -7.57 15.90 9.50
C ALA A 116 -7.68 16.51 10.89
N ASP A 117 -8.52 17.53 11.04
CA ASP A 117 -8.71 18.18 12.34
C ASP A 117 -9.44 17.28 13.32
N ALA A 118 -10.25 16.36 12.78
CA ALA A 118 -11.02 15.43 13.61
C ALA A 118 -10.16 14.25 14.06
N GLY A 119 -8.91 14.22 13.60
CA GLY A 119 -8.01 13.14 14.00
C GLY A 119 -7.85 11.96 13.05
N TYR A 120 -8.05 12.17 11.76
CA TYR A 120 -7.89 11.08 10.80
C TYR A 120 -6.97 11.52 9.68
N LYS A 121 -6.51 10.57 8.89
CA LYS A 121 -5.65 10.85 7.75
C LYS A 121 -6.60 10.97 6.56
N PRO A 122 -6.71 12.19 5.98
CA PRO A 122 -7.60 12.38 4.83
C PRO A 122 -7.09 11.79 3.53
N ILE A 123 -8.02 11.29 2.72
CA ILE A 123 -7.68 10.68 1.43
C ILE A 123 -8.58 11.24 0.34
N TYR A 124 -8.00 11.55 -0.81
CA TYR A 124 -8.77 12.05 -1.95
C TYR A 124 -8.87 10.92 -2.97
N TYR A 125 -10.11 10.49 -3.24
CA TYR A 125 -10.38 9.41 -4.17
C TYR A 125 -11.04 9.92 -5.43
N SER A 126 -10.60 9.42 -6.58
CA SER A 126 -11.17 9.82 -7.87
C SER A 126 -10.53 9.08 -9.05
N TYR A 127 -10.76 9.61 -10.24
CA TYR A 127 -10.22 9.07 -11.48
C TYR A 127 -9.28 10.13 -12.05
N LYS A 128 -8.25 9.70 -12.75
CA LYS A 128 -7.28 10.64 -13.31
C LYS A 128 -7.90 11.71 -14.21
N PRO A 129 -8.59 11.31 -15.28
CA PRO A 129 -9.19 12.30 -16.17
C PRO A 129 -10.13 13.31 -15.49
N PHE A 130 -10.99 12.82 -14.61
CA PHE A 130 -11.92 13.71 -13.90
C PHE A 130 -11.13 14.66 -13.01
N THR A 131 -10.11 14.14 -12.36
CA THR A 131 -9.30 14.97 -11.49
C THR A 131 -8.54 16.02 -12.31
N HIS A 132 -8.06 15.61 -13.48
CA HIS A 132 -7.33 16.50 -14.37
C HIS A 132 -8.18 17.67 -14.86
N ASP A 133 -9.46 17.42 -15.13
CA ASP A 133 -10.33 18.46 -15.63
C ASP A 133 -11.03 19.33 -14.60
N ASN A 134 -11.24 18.82 -13.38
CA ASN A 134 -11.98 19.57 -12.37
C ASN A 134 -11.26 20.07 -11.12
N VAL A 135 -10.02 19.68 -10.90
CA VAL A 135 -9.29 20.16 -9.73
C VAL A 135 -7.80 20.27 -9.98
N ASP A 136 -7.09 20.82 -9.01
CA ASP A 136 -5.63 20.94 -9.09
C ASP A 136 -5.15 20.01 -7.97
N TYR A 137 -5.03 18.73 -8.29
CA TYR A 137 -4.60 17.76 -7.30
C TYR A 137 -3.26 18.11 -6.66
N GLN A 138 -2.43 18.87 -7.37
CA GLN A 138 -1.14 19.27 -6.81
C GLN A 138 -1.34 20.16 -5.58
N GLN A 139 -2.31 21.07 -5.65
CA GLN A 139 -2.59 21.94 -4.51
C GLN A 139 -3.07 21.12 -3.32
N ILE A 140 -3.57 19.92 -3.61
CA ILE A 140 -4.05 19.03 -2.58
C ILE A 140 -2.89 18.27 -1.94
N LEU A 141 -1.95 17.84 -2.77
CA LEU A 141 -0.78 17.11 -2.28
C LEU A 141 0.13 17.99 -1.43
N ALA A 142 0.16 19.28 -1.73
CA ALA A 142 0.99 20.21 -1.00
C ALA A 142 0.58 20.31 0.47
N GLN A 143 -0.70 20.08 0.74
CA GLN A 143 -1.20 20.13 2.11
C GLN A 143 -1.40 18.74 2.68
N PHE A 144 -1.59 17.77 1.80
CA PHE A 144 -1.79 16.39 2.20
C PHE A 144 -0.97 15.49 1.28
N PRO A 145 0.30 15.30 1.62
CA PRO A 145 1.22 14.47 0.84
C PRO A 145 0.73 13.04 0.71
N ASN A 146 1.00 12.42 -0.43
CA ASN A 146 0.63 11.04 -0.66
C ASN A 146 -0.76 10.68 -0.11
N SER A 147 -1.76 11.49 -0.45
CA SER A 147 -3.10 11.24 0.04
C SER A 147 -4.09 10.80 -1.03
N LEU A 148 -3.57 10.44 -2.20
CA LEU A 148 -4.44 10.04 -3.29
C LEU A 148 -4.78 8.55 -3.40
N TRP A 149 -6.03 8.29 -3.77
CA TRP A 149 -6.52 6.92 -3.97
C TRP A 149 -7.23 7.04 -5.33
N ILE A 150 -6.52 6.70 -6.40
CA ILE A 150 -7.07 6.81 -7.75
C ILE A 150 -7.47 5.51 -8.42
N ALA A 151 -8.53 5.60 -9.22
CA ALA A 151 -9.06 4.46 -9.95
C ALA A 151 -8.62 4.47 -11.41
N GLY A 152 -8.30 3.29 -11.93
CA GLY A 152 -7.87 3.12 -13.30
C GLY A 152 -7.94 1.64 -13.59
N TYR A 153 -8.95 1.22 -14.33
CA TYR A 153 -9.15 -0.21 -14.60
C TYR A 153 -8.52 -0.76 -15.88
N GLY A 154 -8.51 0.02 -16.95
CA GLY A 154 -7.96 -0.46 -18.21
C GLY A 154 -8.98 -1.41 -18.83
N LEU A 155 -8.63 -2.69 -18.92
CA LEU A 155 -9.53 -3.68 -19.49
C LEU A 155 -10.59 -4.04 -18.45
N ASN A 156 -10.25 -3.82 -17.18
CA ASN A 156 -11.13 -4.10 -16.06
C ASN A 156 -11.49 -5.58 -16.06
N ASP A 157 -10.49 -6.44 -16.27
CA ASP A 157 -10.72 -7.88 -16.30
C ASP A 157 -10.64 -8.50 -14.92
N GLY A 158 -10.60 -7.65 -13.89
CA GLY A 158 -10.54 -8.15 -12.53
C GLY A 158 -9.14 -8.34 -11.95
N THR A 159 -8.11 -7.94 -12.69
CA THR A 159 -6.75 -8.10 -12.20
C THR A 159 -5.91 -6.82 -12.30
N ALA A 160 -4.79 -6.80 -11.59
CA ALA A 160 -3.90 -5.65 -11.59
C ALA A 160 -2.95 -5.69 -12.79
N ASN A 161 -3.11 -4.74 -13.70
CA ASN A 161 -2.27 -4.66 -14.89
C ASN A 161 -1.54 -3.32 -14.89
N PHE A 162 -0.30 -3.35 -14.41
CA PHE A 162 0.52 -2.15 -14.30
C PHE A 162 0.63 -1.33 -15.57
N GLU A 163 0.45 -1.98 -16.73
CA GLU A 163 0.52 -1.27 -18.00
C GLU A 163 -0.46 -0.11 -18.00
N TYR A 164 -1.58 -0.28 -17.31
CA TYR A 164 -2.61 0.75 -17.23
C TYR A 164 -2.66 1.43 -15.88
N PHE A 165 -1.50 1.53 -15.22
CA PHE A 165 -1.43 2.17 -13.91
C PHE A 165 -1.46 3.69 -14.01
N PRO A 166 -2.43 4.33 -13.37
CA PRO A 166 -2.57 5.81 -13.38
C PRO A 166 -1.28 6.52 -13.01
N SER A 167 -0.83 7.43 -13.87
CA SER A 167 0.38 8.16 -13.60
C SER A 167 0.04 9.50 -12.94
N MET A 168 0.37 9.60 -11.65
CA MET A 168 0.13 10.80 -10.86
C MET A 168 0.98 10.72 -9.60
N ASP A 169 1.38 11.87 -9.06
CA ASP A 169 2.17 11.87 -7.84
C ASP A 169 1.24 11.67 -6.65
N GLY A 170 1.83 11.33 -5.52
CA GLY A 170 1.05 11.15 -4.30
C GLY A 170 -0.02 10.07 -4.29
N ILE A 171 0.11 9.07 -5.15
CA ILE A 171 -0.87 8.00 -5.16
C ILE A 171 -0.55 7.03 -4.03
N ARG A 172 -1.47 6.90 -3.08
CA ARG A 172 -1.29 5.99 -1.96
C ARG A 172 -1.94 4.65 -2.27
N TRP A 173 -3.14 4.68 -2.83
CA TRP A 173 -3.86 3.46 -3.16
C TRP A 173 -4.32 3.44 -4.61
N TRP A 174 -4.37 2.25 -5.19
CA TRP A 174 -4.81 2.11 -6.57
C TRP A 174 -5.94 1.10 -6.71
N GLN A 175 -7.12 1.60 -7.09
CA GLN A 175 -8.28 0.75 -7.33
C GLN A 175 -8.03 0.26 -8.76
N TYR A 176 -7.54 -0.98 -8.88
CA TYR A 176 -7.22 -1.55 -10.19
C TYR A 176 -8.35 -2.24 -10.93
N SER A 177 -9.49 -2.43 -10.27
CA SER A 177 -10.62 -3.07 -10.93
C SER A 177 -11.92 -2.93 -10.17
N SER A 178 -13.02 -3.15 -10.88
CA SER A 178 -14.34 -3.09 -10.28
C SER A 178 -15.14 -4.26 -10.82
N ASN A 179 -14.55 -5.00 -11.76
CA ASN A 179 -15.22 -6.12 -12.39
C ASN A 179 -16.20 -6.81 -11.45
N PRO A 180 -15.75 -7.78 -10.63
CA PRO A 180 -16.84 -8.32 -9.80
C PRO A 180 -17.17 -7.23 -8.75
N PHE A 181 -16.15 -6.86 -7.98
CA PHE A 181 -16.28 -5.86 -6.92
C PHE A 181 -15.03 -4.95 -6.95
N ASP A 182 -15.06 -3.89 -6.17
CA ASP A 182 -13.93 -2.96 -6.15
C ASP A 182 -12.68 -3.57 -5.50
N LYS A 183 -11.61 -3.60 -6.28
CA LYS A 183 -10.33 -4.16 -5.84
C LYS A 183 -9.30 -3.05 -5.79
N ASN A 184 -8.52 -3.03 -4.70
CA ASN A 184 -7.50 -2.00 -4.52
C ASN A 184 -6.21 -2.61 -4.01
N ILE A 185 -5.09 -1.99 -4.35
CA ILE A 185 -3.78 -2.43 -3.90
C ILE A 185 -3.05 -1.21 -3.33
N VAL A 186 -2.32 -1.42 -2.25
CA VAL A 186 -1.58 -0.36 -1.56
C VAL A 186 -0.18 -0.13 -2.14
N LEU A 187 0.18 1.14 -2.31
CA LEU A 187 1.48 1.51 -2.87
C LEU A 187 2.46 2.06 -1.84
N LEU A 188 1.94 2.61 -0.76
CA LEU A 188 2.81 3.16 0.28
C LEU A 188 2.41 2.58 1.62
N ASP A 189 3.38 2.41 2.51
CA ASP A 189 3.10 1.91 3.87
C ASP A 189 2.36 3.05 4.56
N ASP A 190 1.57 2.73 5.59
CA ASP A 190 0.89 3.78 6.31
C ASP A 190 1.94 4.60 7.03
N GLU A 191 1.60 5.86 7.35
CA GLU A 191 2.53 6.72 8.04
C GLU A 191 2.61 6.40 9.52
N GLU A 192 3.67 6.88 10.16
CA GLU A 192 3.87 6.66 11.58
C GLU A 192 4.93 7.63 12.05
N ASP A 193 4.64 8.92 11.90
CA ASP A 193 5.58 9.94 12.30
C ASP A 193 5.57 10.17 13.80
N ASP A 194 6.73 9.99 14.43
CA ASP A 194 6.83 10.17 15.86
C ASP A 194 7.68 9.08 16.49
N LYS A 195 7.05 8.29 17.38
CA LYS A 195 7.73 7.21 18.05
C LYS A 195 9.23 7.44 18.19
N PRO A 196 9.60 8.60 18.72
CA PRO A 196 11.00 8.94 18.89
C PRO A 196 11.70 8.10 19.95
N LYS A 197 13.02 8.21 20.00
CA LYS A 197 13.80 7.47 20.97
C LYS A 197 13.55 5.97 20.97
N THR A 198 14.47 5.23 21.58
CA THR A 198 14.33 3.78 21.67
C THR A 198 14.52 3.33 23.11
N ALA A 199 14.76 2.04 23.31
CA ALA A 199 14.95 1.51 24.64
C ALA A 199 16.43 1.18 24.85
N GLY A 200 17.30 2.05 24.33
CA GLY A 200 18.72 1.85 24.47
C GLY A 200 19.50 2.76 23.53
N THR A 201 20.80 2.51 23.40
CA THR A 201 21.67 3.32 22.53
C THR A 201 22.52 2.45 21.61
N TRP A 202 22.64 2.85 20.35
CA TRP A 202 23.45 2.07 19.40
C TRP A 202 24.91 2.41 19.61
N LYS A 203 25.76 1.37 19.56
CA LYS A 203 27.19 1.51 19.75
C LYS A 203 27.94 0.92 18.56
N GLN A 204 28.87 1.69 18.01
CA GLN A 204 29.64 1.22 16.86
C GLN A 204 31.10 1.00 17.20
N ASP A 205 31.72 0.04 16.52
CA ASP A 205 33.13 -0.23 16.74
C ASP A 205 33.71 -1.11 15.63
N SER A 206 35.01 -1.31 15.67
CA SER A 206 35.73 -2.11 14.70
C SER A 206 34.96 -3.36 14.24
N LYS A 207 34.28 -4.00 15.18
CA LYS A 207 33.55 -5.23 14.88
C LYS A 207 32.13 -5.03 14.37
N GLY A 208 31.64 -3.80 14.39
CA GLY A 208 30.30 -3.55 13.91
C GLY A 208 29.44 -2.81 14.92
N TRP A 209 28.13 -3.03 14.86
CA TRP A 209 27.20 -2.37 15.78
C TRP A 209 26.54 -3.32 16.77
N TRP A 210 26.44 -2.89 18.01
CA TRP A 210 25.76 -3.67 19.03
C TRP A 210 24.82 -2.69 19.71
N PHE A 211 23.79 -3.20 20.37
CA PHE A 211 22.80 -2.34 21.01
C PHE A 211 22.81 -2.41 22.54
N ARG A 212 23.12 -1.29 23.18
CA ARG A 212 23.13 -1.26 24.64
C ARG A 212 21.73 -0.86 25.09
N ARG A 213 21.00 -1.80 25.66
CA ARG A 213 19.65 -1.52 26.15
C ARG A 213 19.75 -0.53 27.31
N ASN A 214 18.63 0.03 27.73
CA ASN A 214 18.64 0.99 28.83
C ASN A 214 19.28 0.45 30.09
N ASN A 215 19.04 -0.82 30.39
CA ASN A 215 19.56 -1.46 31.60
C ASN A 215 20.96 -2.05 31.47
N GLY A 216 21.68 -1.68 30.42
CA GLY A 216 23.03 -2.18 30.24
C GLY A 216 23.19 -3.48 29.47
N SER A 217 22.13 -4.28 29.41
CA SER A 217 22.19 -5.54 28.68
C SER A 217 22.27 -5.25 27.19
N PHE A 218 22.17 -6.31 26.39
CA PHE A 218 22.24 -6.17 24.93
C PHE A 218 21.76 -7.44 24.24
N PRO A 219 21.03 -7.30 23.13
CA PRO A 219 20.52 -8.48 22.41
C PRO A 219 21.63 -9.28 21.74
N TYR A 220 21.45 -10.61 21.70
CA TYR A 220 22.43 -11.51 21.07
C TYR A 220 21.75 -12.85 20.79
N ASN A 221 22.17 -13.51 19.71
CA ASN A 221 21.56 -14.79 19.31
C ASN A 221 20.05 -14.64 19.30
N LYS A 222 19.55 -13.59 18.67
CA LYS A 222 18.10 -13.39 18.66
C LYS A 222 17.73 -12.22 17.79
N TRP A 223 16.45 -12.14 17.46
CA TRP A 223 15.90 -11.03 16.68
C TRP A 223 15.46 -10.03 17.75
N GLU A 224 15.27 -8.78 17.37
CA GLU A 224 14.81 -7.76 18.31
C GLU A 224 14.42 -6.50 17.56
N LYS A 225 13.26 -5.95 17.92
CA LYS A 225 12.75 -4.75 17.28
C LYS A 225 13.22 -3.51 18.02
N ILE A 226 14.02 -2.71 17.32
CA ILE A 226 14.59 -1.48 17.85
C ILE A 226 14.12 -0.37 16.92
N GLY A 227 13.38 0.59 17.45
CA GLY A 227 12.87 1.63 16.59
C GLY A 227 11.71 0.92 15.92
N GLY A 228 11.50 1.15 14.64
CA GLY A 228 10.39 0.47 13.99
C GLY A 228 10.84 -0.73 13.19
N VAL A 229 12.14 -1.03 13.24
CA VAL A 229 12.70 -2.13 12.47
C VAL A 229 13.29 -3.31 13.26
N TRP A 230 13.38 -4.45 12.58
CA TRP A 230 13.93 -5.68 13.14
C TRP A 230 15.40 -5.87 12.78
N TYR A 231 16.11 -6.58 13.64
CA TYR A 231 17.51 -6.90 13.43
C TYR A 231 17.80 -8.26 14.04
N TYR A 232 18.88 -8.88 13.61
CA TYR A 232 19.28 -10.16 14.19
C TYR A 232 20.67 -9.96 14.76
N PHE A 233 20.89 -10.39 16.00
CA PHE A 233 22.18 -10.19 16.60
C PHE A 233 23.04 -11.43 16.80
N ASP A 234 24.35 -11.26 16.56
CA ASP A 234 25.34 -12.32 16.72
C ASP A 234 25.32 -12.84 18.14
N SER A 235 26.07 -13.91 18.37
CA SER A 235 26.18 -14.49 19.70
C SER A 235 27.04 -13.52 20.49
N LYS A 236 27.60 -12.54 19.78
CA LYS A 236 28.47 -11.55 20.41
C LYS A 236 27.74 -10.22 20.55
N GLY A 237 26.53 -10.14 20.01
CA GLY A 237 25.75 -8.93 20.13
C GLY A 237 25.89 -7.95 18.98
N TYR A 238 26.45 -8.41 17.88
CA TYR A 238 26.61 -7.56 16.71
C TYR A 238 25.48 -7.93 15.74
N CYS A 239 24.79 -6.93 15.21
CA CYS A 239 23.71 -7.20 14.28
C CYS A 239 24.29 -7.55 12.92
N LEU A 240 23.70 -8.52 12.24
CA LEU A 240 24.17 -8.94 10.93
C LEU A 240 23.96 -7.84 9.90
N THR A 241 24.79 -7.84 8.86
CA THR A 241 24.68 -6.85 7.80
C THR A 241 24.89 -7.55 6.47
N SER A 242 24.15 -7.13 5.44
CA SER A 242 24.26 -7.71 4.10
C SER A 242 24.43 -9.22 4.20
N GLU A 243 23.43 -9.92 4.72
CA GLU A 243 23.58 -11.36 4.89
C GLU A 243 22.26 -12.13 4.90
N TRP A 244 22.29 -13.37 4.42
CA TRP A 244 21.09 -14.22 4.44
C TRP A 244 21.05 -14.96 5.76
N LEU A 245 19.85 -15.20 6.26
CA LEU A 245 19.68 -15.91 7.52
C LEU A 245 18.49 -16.84 7.42
N LYS A 246 18.74 -18.12 7.70
CA LYS A 246 17.66 -19.10 7.68
C LYS A 246 17.22 -19.22 9.13
N ASP A 247 15.95 -18.90 9.38
CA ASP A 247 15.41 -18.94 10.74
C ASP A 247 14.02 -19.56 10.72
N ASN A 248 13.88 -20.71 11.38
CA ASN A 248 12.59 -21.40 11.45
C ASN A 248 12.13 -21.86 10.06
N GLU A 249 13.07 -22.39 9.27
CA GLU A 249 12.77 -22.88 7.93
C GLU A 249 12.42 -21.79 6.92
N LYS A 250 12.67 -20.53 7.28
CA LYS A 250 12.39 -19.41 6.39
C LYS A 250 13.61 -18.52 6.21
N TRP A 251 13.75 -17.95 5.03
CA TRP A 251 14.89 -17.08 4.74
C TRP A 251 14.65 -15.59 4.93
N TYR A 252 15.66 -14.90 5.47
CA TYR A 252 15.61 -13.46 5.71
C TYR A 252 16.90 -12.80 5.24
N TYR A 253 16.80 -11.53 4.83
CA TYR A 253 17.97 -10.80 4.40
C TYR A 253 18.14 -9.56 5.26
N LEU A 254 19.34 -9.39 5.81
CA LEU A 254 19.64 -8.24 6.65
C LEU A 254 20.48 -7.29 5.83
N LYS A 255 19.94 -6.09 5.60
CA LYS A 255 20.59 -5.07 4.78
C LYS A 255 21.86 -4.44 5.36
N ASP A 256 22.47 -3.57 4.56
CA ASP A 256 23.69 -2.86 4.92
C ASP A 256 23.67 -2.34 6.34
N ASN A 257 22.52 -1.81 6.73
CA ASN A 257 22.34 -1.24 8.05
C ASN A 257 21.72 -2.23 9.04
N GLY A 258 21.87 -3.52 8.77
CA GLY A 258 21.34 -4.55 9.64
C GLY A 258 19.82 -4.63 9.66
N ALA A 259 19.18 -3.65 9.04
CA ALA A 259 17.72 -3.63 8.96
C ALA A 259 17.20 -4.79 8.12
N MET A 260 16.24 -5.53 8.67
CA MET A 260 15.63 -6.66 7.99
C MET A 260 14.89 -6.15 6.78
N ALA A 261 15.09 -6.81 5.64
CA ALA A 261 14.41 -6.40 4.41
C ALA A 261 12.95 -6.83 4.34
N THR A 262 12.15 -6.00 3.69
CA THR A 262 10.73 -6.25 3.47
C THR A 262 10.43 -5.76 2.06
N GLY A 263 9.66 -6.54 1.31
CA GLY A 263 9.34 -6.16 -0.04
C GLY A 263 10.49 -6.52 -0.96
N TRP A 264 10.70 -5.72 -2.00
CA TRP A 264 11.78 -5.98 -2.94
C TRP A 264 13.11 -5.51 -2.38
N VAL A 265 14.15 -6.28 -2.64
CA VAL A 265 15.48 -5.94 -2.18
C VAL A 265 16.53 -6.48 -3.16
N LEU A 266 17.47 -5.63 -3.54
CA LEU A 266 18.51 -6.02 -4.47
C LEU A 266 19.72 -6.56 -3.71
N VAL A 267 19.94 -7.86 -3.80
CA VAL A 267 21.09 -8.49 -3.13
C VAL A 267 22.09 -8.74 -4.24
N GLY A 268 23.25 -8.09 -4.15
CA GLY A 268 24.23 -8.24 -5.21
C GLY A 268 23.56 -7.62 -6.41
N SER A 269 23.32 -8.41 -7.45
CA SER A 269 22.67 -7.90 -8.65
C SER A 269 21.40 -8.72 -8.94
N GLU A 270 20.90 -9.39 -7.91
CA GLU A 270 19.69 -10.20 -8.04
C GLU A 270 18.58 -9.58 -7.22
N TRP A 271 17.33 -9.71 -7.70
CA TRP A 271 16.19 -9.17 -6.97
C TRP A 271 15.47 -10.27 -6.22
N TYR A 272 15.08 -9.97 -4.99
CA TYR A 272 14.33 -10.91 -4.16
C TYR A 272 13.19 -10.16 -3.51
N TYR A 273 12.13 -10.87 -3.13
CA TYR A 273 10.98 -10.24 -2.51
C TYR A 273 10.68 -10.90 -1.16
N MET A 274 10.54 -10.07 -0.13
CA MET A 274 10.28 -10.58 1.21
C MET A 274 8.89 -10.23 1.72
N ASP A 275 8.37 -11.07 2.61
CA ASP A 275 7.07 -10.89 3.29
C ASP A 275 7.10 -9.57 4.04
N ASP A 276 5.95 -9.17 4.57
CA ASP A 276 5.90 -7.96 5.38
C ASP A 276 6.56 -8.32 6.70
N SER A 277 6.73 -9.62 6.93
CA SER A 277 7.38 -10.09 8.15
C SER A 277 8.85 -10.49 7.90
N GLY A 278 9.33 -10.22 6.68
CA GLY A 278 10.71 -10.52 6.36
C GLY A 278 11.01 -11.81 5.61
N ALA A 279 10.10 -12.79 5.68
CA ALA A 279 10.30 -14.07 5.01
C ALA A 279 10.34 -13.96 3.48
N MET A 280 11.31 -14.64 2.86
CA MET A 280 11.42 -14.61 1.41
C MET A 280 10.23 -15.30 0.76
N VAL A 281 9.75 -14.74 -0.34
CA VAL A 281 8.63 -15.31 -1.06
C VAL A 281 9.19 -15.97 -2.31
N THR A 282 8.89 -17.26 -2.49
CA THR A 282 9.37 -18.03 -3.64
C THR A 282 8.34 -18.12 -4.75
N GLY A 283 8.82 -18.46 -5.95
CA GLY A 283 7.97 -18.61 -7.11
C GLY A 283 7.90 -17.37 -7.96
N TRP A 284 6.77 -17.19 -8.64
CA TRP A 284 6.56 -16.03 -9.48
C TRP A 284 6.07 -14.85 -8.67
N VAL A 285 6.69 -13.69 -8.88
CA VAL A 285 6.30 -12.45 -8.23
C VAL A 285 6.61 -11.35 -9.23
N LYS A 286 5.63 -10.50 -9.50
CA LYS A 286 5.80 -9.44 -10.47
C LYS A 286 5.99 -8.07 -9.84
N TYR A 287 7.08 -7.40 -10.19
CA TYR A 287 7.38 -6.07 -9.69
C TYR A 287 7.09 -5.10 -10.83
N LYS A 288 5.92 -4.48 -10.77
CA LYS A 288 5.48 -3.55 -11.78
C LYS A 288 5.28 -4.26 -13.12
N ASN A 289 6.13 -3.98 -14.10
CA ASN A 289 5.98 -4.63 -15.40
C ASN A 289 6.87 -5.85 -15.58
N ASN A 290 7.83 -6.04 -14.68
CA ASN A 290 8.75 -7.16 -14.80
C ASN A 290 8.47 -8.33 -13.87
N TRP A 291 8.67 -9.54 -14.41
CA TRP A 291 8.44 -10.79 -13.69
C TRP A 291 9.73 -11.47 -13.19
N TYR A 292 9.63 -12.06 -12.00
CA TYR A 292 10.76 -12.74 -11.37
C TYR A 292 10.36 -14.11 -10.81
N TYR A 293 11.12 -15.15 -11.15
CA TYR A 293 10.84 -16.48 -10.61
C TYR A 293 11.96 -16.76 -9.63
N MET A 294 11.66 -16.62 -8.35
CA MET A 294 12.66 -16.80 -7.32
C MET A 294 12.55 -18.09 -6.53
N THR A 295 13.72 -18.67 -6.19
CA THR A 295 13.77 -19.92 -5.44
C THR A 295 14.96 -19.96 -4.49
N ASN A 296 14.85 -20.75 -3.43
CA ASN A 296 15.91 -20.86 -2.43
C ASN A 296 16.13 -22.29 -1.94
N GLU A 297 15.82 -23.27 -2.77
CA GLU A 297 16.00 -24.66 -2.39
C GLU A 297 17.43 -24.97 -1.92
N ARG A 298 17.54 -25.73 -0.85
CA ARG A 298 18.85 -26.11 -0.30
C ARG A 298 19.74 -24.88 -0.06
N GLY A 299 19.12 -23.71 0.05
CA GLY A 299 19.89 -22.50 0.28
C GLY A 299 20.49 -21.85 -0.96
N ASN A 300 20.16 -22.36 -2.14
CA ASN A 300 20.68 -21.77 -3.38
C ASN A 300 19.73 -20.67 -3.81
N MET A 301 20.14 -19.43 -3.59
CA MET A 301 19.29 -18.30 -3.94
C MET A 301 19.36 -18.02 -5.43
N VAL A 302 18.21 -18.11 -6.09
CA VAL A 302 18.12 -17.87 -7.53
C VAL A 302 17.00 -16.87 -7.84
N SER A 303 17.30 -15.95 -8.75
CA SER A 303 16.35 -14.93 -9.15
C SER A 303 16.32 -14.92 -10.66
N ASN A 304 15.25 -15.45 -11.24
CA ASN A 304 15.09 -15.50 -12.68
C ASN A 304 14.32 -14.28 -13.15
N GLU A 305 15.04 -13.32 -13.72
CA GLU A 305 14.47 -12.06 -14.19
C GLU A 305 14.00 -12.04 -15.65
N PHE A 306 12.82 -11.50 -15.90
CA PHE A 306 12.27 -11.38 -17.25
C PHE A 306 11.79 -9.95 -17.45
N ILE A 307 12.50 -9.19 -18.27
CA ILE A 307 12.13 -7.80 -18.52
C ILE A 307 11.06 -7.67 -19.58
N LYS A 308 10.02 -6.92 -19.28
CA LYS A 308 8.95 -6.72 -20.24
C LYS A 308 9.38 -5.76 -21.33
N SER A 309 8.97 -6.04 -22.56
CA SER A 309 9.30 -5.20 -23.70
C SER A 309 8.21 -5.41 -24.72
N GLY A 310 7.29 -4.46 -24.81
CA GLY A 310 6.20 -4.60 -25.75
C GLY A 310 5.25 -5.66 -25.23
N LYS A 311 4.81 -6.57 -26.10
CA LYS A 311 3.88 -7.62 -25.70
C LYS A 311 4.60 -8.90 -25.31
N GLY A 312 5.84 -8.78 -24.84
CA GLY A 312 6.58 -9.96 -24.45
C GLY A 312 7.53 -9.70 -23.30
N TRP A 313 7.94 -10.78 -22.64
CA TRP A 313 8.86 -10.71 -21.52
C TRP A 313 10.12 -11.45 -21.96
N TYR A 314 11.28 -10.85 -21.74
CA TYR A 314 12.53 -11.46 -22.17
C TYR A 314 13.41 -11.89 -21.03
N PHE A 315 13.81 -13.15 -21.02
CA PHE A 315 14.68 -13.66 -19.97
C PHE A 315 16.01 -12.92 -19.98
N MET A 316 16.52 -12.59 -18.81
CA MET A 316 17.81 -11.91 -18.75
C MET A 316 18.82 -12.71 -17.94
N ASN A 317 19.72 -13.38 -18.65
CA ASN A 317 20.76 -14.17 -18.02
C ASN A 317 21.64 -13.22 -17.21
N THR A 318 21.97 -13.61 -15.98
CA THR A 318 22.78 -12.78 -15.11
C THR A 318 24.08 -12.28 -15.78
N ASN A 319 24.31 -12.71 -17.01
CA ASN A 319 25.50 -12.27 -17.76
C ASN A 319 25.19 -10.92 -18.40
N GLY A 320 24.01 -10.37 -18.06
CA GLY A 320 23.59 -9.08 -18.56
C GLY A 320 23.08 -8.98 -19.99
N GLU A 321 22.44 -10.02 -20.50
CA GLU A 321 21.91 -9.98 -21.87
C GLU A 321 20.53 -10.60 -22.01
N LEU A 322 19.63 -9.87 -22.66
CA LEU A 322 18.28 -10.37 -22.89
C LEU A 322 18.32 -11.25 -24.13
N ALA A 323 17.46 -12.26 -24.16
CA ALA A 323 17.39 -13.15 -25.31
C ALA A 323 16.92 -12.30 -26.50
N ASP A 324 17.01 -12.85 -27.70
CA ASP A 324 16.61 -12.13 -28.91
C ASP A 324 15.10 -12.13 -29.07
N ASN A 325 14.46 -13.20 -28.59
CA ASN A 325 13.02 -13.32 -28.68
C ASN A 325 12.44 -13.47 -27.28
N PRO A 326 11.16 -13.09 -27.11
CA PRO A 326 10.51 -13.18 -25.82
C PRO A 326 10.39 -14.63 -25.34
N SER A 327 10.38 -14.82 -24.03
CA SER A 327 10.27 -16.15 -23.45
C SER A 327 8.80 -16.49 -23.28
N PHE A 328 7.97 -15.47 -23.08
CA PHE A 328 6.55 -15.70 -22.93
C PHE A 328 5.77 -14.42 -23.12
N THR A 329 4.62 -14.55 -23.76
CA THR A 329 3.73 -13.42 -24.02
C THR A 329 2.50 -13.55 -23.12
N LYS A 330 2.38 -14.69 -22.45
CA LYS A 330 1.25 -14.95 -21.55
C LYS A 330 1.78 -15.03 -20.12
N GLU A 331 1.48 -14.00 -19.33
CA GLU A 331 1.94 -13.92 -17.95
C GLU A 331 1.53 -15.08 -17.06
N PRO A 332 2.41 -15.47 -16.11
CA PRO A 332 2.11 -16.56 -15.20
C PRO A 332 1.14 -16.06 -14.14
N ASP A 333 0.53 -16.97 -13.38
CA ASP A 333 -0.41 -16.56 -12.37
C ASP A 333 0.27 -16.49 -11.00
N GLY A 334 1.08 -15.46 -10.81
CA GLY A 334 1.78 -15.30 -9.55
C GLY A 334 1.36 -14.05 -8.81
N LEU A 335 2.11 -13.74 -7.74
CA LEU A 335 1.85 -12.56 -6.90
C LEU A 335 2.19 -11.25 -7.61
N ILE A 336 1.21 -10.36 -7.71
CA ILE A 336 1.40 -9.08 -8.36
C ILE A 336 1.75 -7.98 -7.37
N THR A 337 2.87 -7.30 -7.56
CA THR A 337 3.27 -6.20 -6.68
C THR A 337 3.47 -4.96 -7.54
N VAL A 338 3.19 -3.80 -6.97
CA VAL A 338 3.32 -2.55 -7.69
C VAL A 338 4.28 -1.54 -7.08
N ALA A 339 5.00 -1.95 -6.03
CA ALA A 339 5.96 -1.06 -5.36
C ALA A 339 6.79 -1.80 -4.31
C4 CHT B . 8.75 -10.52 11.81
C5 CHT B . 10.28 -10.86 12.10
C6 CHT B . 11.43 -11.87 14.05
C7 CHT B . 9.53 -13.04 13.18
C8 CHT B . 11.61 -12.93 11.93
O6 CHT B . 8.22 -10.01 13.01
N1 CHT B . 10.70 -12.16 12.81
C4 CHT C . 20.09 1.84 13.52
C5 CHT C . 21.00 0.99 12.53
C6 CHT C . 23.20 1.40 11.42
C7 CHT C . 23.06 1.75 13.80
C8 CHT C . 22.96 -0.48 12.88
O6 CHT C . 20.49 3.19 13.43
N1 CHT C . 22.55 0.93 12.65
#